data_6Y89
#
_entry.id   6Y89
#
_cell.length_a   64.124
_cell.length_b   78.990
_cell.length_c   88.373
_cell.angle_alpha   90.000
_cell.angle_beta   90.000
_cell.angle_gamma   90.000
#
_symmetry.space_group_name_H-M   'P 21 21 21'
#
loop_
_entity.id
_entity.type
_entity.pdbx_description
1 polymer 'cAMP-dependent protein kinase catalytic subunit alpha'
2 polymer 'cAMP-dependent protein kinase inhibitor alpha'
3 non-polymer 'methyl isoquinoline-5-carboxylate'
4 non-polymer (4R)-2-METHYLPENTANE-2,4-DIOL
5 non-polymer METHANOL
6 non-polymer (4S)-2-METHYL-2,4-PENTANEDIOL
7 water water
#
loop_
_entity_poly.entity_id
_entity_poly.type
_entity_poly.pdbx_seq_one_letter_code
_entity_poly.pdbx_strand_id
1 'polypeptide(L)'
;GHMGNAAAAKKGSEQESVKEFLAKAKEEFLKKWESPSQNTAQLDHFDRIKTLGTGSFGRVMLVKHKETGNHYAMKILDKQ
KVVKLKQIEHTLNEKRILQAVNFPFLVKLEFSFKDNSNLYMVMEYVPGGEMFSHLRRIGRFSEPHARFYAAQIVLTFEYL
HSLDLIYRDLKPENLLIDQQGYIQVTDFGFAKRVKGRTW(TPO)LCGTPEYLAPEIILSKGYNKAVDWWALGVLIYEMAA
GYPPFFADQPIQIYEKIVSGKVRFPSHFSSDLKDLLRNLLQVDLTKRFGNLKNGVNDIKNHKWFATTDWIAIYQRKVEAP
FIPKFKGPGDTSNFDDYEEEEIRV(SEP)INEKCGKEFTEF
;
A
2 'polypeptide(L)' TTYADFIASGRTGRRNAIHD B
#
loop_
_chem_comp.id
_chem_comp.type
_chem_comp.name
_chem_comp.formula
MOH non-polymer METHANOL 'C H4 O'
MPD non-polymer (4S)-2-METHYL-2,4-PENTANEDIOL 'C6 H14 O2'
MRD non-polymer (4R)-2-METHYLPENTANE-2,4-DIOL 'C6 H14 O2'
OGB non-polymer 'methyl isoquinoline-5-carboxylate' 'C11 H9 N O2'
#
# COMPACT_ATOMS: atom_id res chain seq x y z
N SER A 13 -12.00 34.35 1.82
CA SER A 13 -13.40 34.56 1.42
C SER A 13 -14.09 33.24 1.12
N GLU A 14 -14.07 32.83 -0.14
CA GLU A 14 -14.70 31.58 -0.53
C GLU A 14 -13.98 30.40 0.13
N GLN A 15 -14.75 29.38 0.49
CA GLN A 15 -14.17 28.18 1.06
C GLN A 15 -13.23 27.52 0.04
N GLU A 16 -12.33 26.69 0.56
CA GLU A 16 -11.32 26.07 -0.28
C GLU A 16 -11.92 25.03 -1.21
N SER A 17 -11.49 25.04 -2.46
CA SER A 17 -11.90 24.03 -3.44
C SER A 17 -10.97 22.82 -3.41
N VAL A 18 -11.43 21.72 -4.02
CA VAL A 18 -10.58 20.55 -4.14
C VAL A 18 -9.31 20.90 -4.92
N LYS A 19 -9.45 21.67 -6.00
CA LYS A 19 -8.28 22.08 -6.77
C LYS A 19 -7.30 22.84 -5.90
N GLU A 20 -7.80 23.76 -5.08
CA GLU A 20 -6.90 24.54 -4.22
C GLU A 20 -6.27 23.66 -3.15
N PHE A 21 -7.04 22.73 -2.59
CA PHE A 21 -6.50 21.76 -1.63
C PHE A 21 -5.35 20.97 -2.26
N LEU A 22 -5.55 20.47 -3.48
CA LEU A 22 -4.51 19.65 -4.10
C LEU A 22 -3.31 20.49 -4.51
N ALA A 23 -3.54 21.74 -4.91
CA ALA A 23 -2.40 22.61 -5.22
C ALA A 23 -1.56 22.86 -3.97
N LYS A 24 -2.21 23.02 -2.83
CA LYS A 24 -1.48 23.17 -1.57
C LYS A 24 -0.69 21.91 -1.26
N ALA A 25 -1.30 20.74 -1.48
CA ALA A 25 -0.61 19.48 -1.25
C ALA A 25 0.61 19.36 -2.16
N LYS A 26 0.51 19.83 -3.39
CA LYS A 26 1.65 19.71 -4.30
C LYS A 26 2.81 20.62 -3.89
N GLU A 27 2.51 21.85 -3.48
CA GLU A 27 3.57 22.74 -3.01
C GLU A 27 4.27 22.15 -1.80
N GLU A 28 3.49 21.59 -0.86
CA GLU A 28 4.08 20.98 0.34
C GLU A 28 4.95 19.78 -0.03
N PHE A 29 4.46 18.94 -0.94
CA PHE A 29 5.22 17.76 -1.34
C PHE A 29 6.50 18.15 -2.07
N LEU A 30 6.41 19.10 -3.01
CA LEU A 30 7.57 19.42 -3.84
C LEU A 30 8.72 19.96 -3.01
N LYS A 31 8.43 20.71 -1.95
CA LYS A 31 9.53 21.22 -1.12
C LYS A 31 10.36 20.08 -0.54
N LYS A 32 9.69 19.03 -0.06
CA LYS A 32 10.37 17.88 0.51
C LYS A 32 10.95 16.97 -0.58
N TRP A 33 10.24 16.84 -1.70
CA TRP A 33 10.74 16.07 -2.83
C TRP A 33 12.08 16.62 -3.33
N GLU A 34 12.20 17.95 -3.42
CA GLU A 34 13.41 18.56 -3.95
C GLU A 34 14.53 18.65 -2.92
N SER A 35 14.23 18.61 -1.62
CA SER A 35 15.25 18.67 -0.56
C SER A 35 14.95 17.58 0.47
N PRO A 36 15.23 16.32 0.15
CA PRO A 36 14.84 15.23 1.06
C PRO A 36 15.60 15.25 2.37
N SER A 37 14.93 14.81 3.43
CA SER A 37 15.61 14.61 4.69
C SER A 37 16.53 13.39 4.59
N GLN A 38 17.55 13.37 5.45
N GLN A 38 17.61 13.43 5.36
CA GLN A 38 18.58 12.35 5.38
CA GLN A 38 18.59 12.35 5.40
C GLN A 38 19.25 12.23 6.75
C GLN A 38 19.13 12.22 6.82
N ASN A 39 19.44 10.98 7.21
CA ASN A 39 20.28 10.72 8.39
C ASN A 39 19.70 11.34 9.67
N THR A 40 18.45 11.02 9.97
CA THR A 40 17.74 11.70 11.05
C THR A 40 17.65 10.88 12.33
N ALA A 41 18.29 9.72 12.38
CA ALA A 41 18.44 8.94 13.60
C ALA A 41 19.60 7.98 13.37
N GLN A 42 19.85 7.09 14.34
CA GLN A 42 20.85 6.05 14.17
C GLN A 42 20.36 4.83 14.93
N LEU A 43 21.01 3.68 14.66
CA LEU A 43 20.44 2.41 15.09
C LEU A 43 20.38 2.30 16.62
N ASP A 44 21.40 2.80 17.32
CA ASP A 44 21.39 2.63 18.77
C ASP A 44 20.48 3.63 19.48
N HIS A 45 19.66 4.38 18.73
CA HIS A 45 18.57 5.13 19.35
C HIS A 45 17.38 4.25 19.69
N PHE A 46 17.41 2.98 19.30
CA PHE A 46 16.25 2.11 19.37
C PHE A 46 16.60 0.79 20.03
N ASP A 47 15.61 0.21 20.69
CA ASP A 47 15.69 -1.17 21.15
C ASP A 47 14.84 -2.04 20.24
N ARG A 48 15.40 -3.18 19.81
CA ARG A 48 14.69 -4.08 18.91
C ARG A 48 13.79 -4.99 19.72
N ILE A 49 12.53 -5.13 19.30
CA ILE A 49 11.54 -5.91 20.03
C ILE A 49 11.20 -7.21 19.31
N LYS A 50 10.70 -7.13 18.07
CA LYS A 50 10.11 -8.29 17.42
C LYS A 50 9.95 -8.00 15.93
N THR A 51 10.06 -9.06 15.11
CA THR A 51 9.82 -8.93 13.68
C THR A 51 8.31 -8.94 13.38
N LEU A 52 7.86 -7.94 12.63
CA LEU A 52 6.46 -7.79 12.25
C LEU A 52 6.13 -8.34 10.86
N GLY A 53 7.12 -8.44 9.98
CA GLY A 53 6.89 -8.95 8.64
C GLY A 53 8.20 -8.99 7.87
N THR A 54 8.16 -9.68 6.74
CA THR A 54 9.38 -9.82 5.94
C THR A 54 9.14 -9.55 4.45
N PHE A 57 14.29 -8.47 0.54
CA PHE A 57 15.57 -7.79 0.73
C PHE A 57 15.74 -7.36 2.19
N GLY A 58 14.78 -7.71 3.03
CA GLY A 58 14.84 -7.37 4.44
C GLY A 58 13.61 -7.72 5.27
N ARG A 59 13.40 -6.98 6.35
CA ARG A 59 12.30 -7.25 7.25
C ARG A 59 11.86 -5.95 7.92
N VAL A 60 10.71 -5.99 8.57
CA VAL A 60 10.22 -4.87 9.38
C VAL A 60 10.17 -5.33 10.83
N MET A 61 10.74 -4.53 11.72
CA MET A 61 10.80 -4.86 13.14
C MET A 61 10.07 -3.83 13.99
N LEU A 62 9.37 -4.31 15.00
CA LEU A 62 8.90 -3.42 16.06
C LEU A 62 10.08 -2.99 16.91
N VAL A 63 10.26 -1.68 17.06
CA VAL A 63 11.33 -1.12 17.86
C VAL A 63 10.74 -0.12 18.83
N LYS A 64 11.52 0.17 19.88
CA LYS A 64 11.16 1.20 20.86
C LYS A 64 12.26 2.25 20.87
N HIS A 65 11.87 3.50 20.64
CA HIS A 65 12.78 4.64 20.70
C HIS A 65 13.17 4.92 22.15
N LYS A 66 14.48 4.90 22.43
CA LYS A 66 14.91 4.98 23.82
C LYS A 66 14.50 6.29 24.49
N GLU A 67 14.68 7.42 23.80
CA GLU A 67 14.47 8.71 24.44
C GLU A 67 13.00 8.95 24.76
N THR A 68 12.11 8.66 23.80
CA THR A 68 10.69 8.96 23.97
C THR A 68 9.88 7.79 24.52
N GLY A 69 10.37 6.56 24.38
CA GLY A 69 9.54 5.40 24.62
C GLY A 69 8.54 5.09 23.53
N ASN A 70 8.49 5.87 22.45
CA ASN A 70 7.57 5.60 21.36
C ASN A 70 7.93 4.29 20.67
N HIS A 71 6.91 3.54 20.26
CA HIS A 71 7.12 2.38 19.42
C HIS A 71 7.05 2.76 17.95
N TYR A 72 7.88 2.11 17.14
CA TYR A 72 7.92 2.34 15.70
C TYR A 72 8.09 1.01 14.97
N ALA A 73 7.79 1.03 13.68
CA ALA A 73 8.10 -0.07 12.78
C ALA A 73 9.30 0.32 11.93
N MET A 74 10.39 -0.44 12.08
CA MET A 74 11.66 -0.15 11.41
C MET A 74 11.82 -1.16 10.27
N LYS A 75 11.80 -0.66 9.05
CA LYS A 75 12.11 -1.47 7.87
C LYS A 75 13.61 -1.47 7.65
N ILE A 76 14.19 -2.66 7.56
CA ILE A 76 15.63 -2.86 7.40
C ILE A 76 15.86 -3.51 6.06
N LEU A 77 16.69 -2.89 5.22
CA LEU A 77 17.01 -3.40 3.89
C LEU A 77 18.51 -3.65 3.80
N ASP A 78 18.87 -4.87 3.39
CA ASP A 78 20.28 -5.22 3.21
C ASP A 78 20.74 -4.62 1.89
N LYS A 79 21.72 -3.70 1.94
CA LYS A 79 22.13 -2.99 0.73
C LYS A 79 22.64 -3.95 -0.34
N GLN A 80 23.36 -5.00 0.05
CA GLN A 80 23.89 -5.94 -0.93
C GLN A 80 22.78 -6.73 -1.60
N LYS A 81 21.73 -7.08 -0.85
CA LYS A 81 20.60 -7.77 -1.47
C LYS A 81 19.81 -6.85 -2.40
N VAL A 82 19.71 -5.56 -2.06
CA VAL A 82 19.02 -4.62 -2.95
C VAL A 82 19.76 -4.51 -4.27
N VAL A 83 21.09 -4.38 -4.22
CA VAL A 83 21.89 -4.30 -5.43
C VAL A 83 21.73 -5.57 -6.25
N LYS A 84 21.81 -6.73 -5.59
CA LYS A 84 21.74 -8.00 -6.31
C LYS A 84 20.36 -8.22 -6.93
N LEU A 85 19.31 -7.77 -6.26
CA LEU A 85 17.95 -7.84 -6.79
C LEU A 85 17.63 -6.71 -7.75
N LYS A 86 18.61 -5.87 -8.10
CA LYS A 86 18.42 -4.77 -9.05
C LYS A 86 17.32 -3.81 -8.61
N GLN A 87 17.23 -3.57 -7.30
CA GLN A 87 16.19 -2.70 -6.75
C GLN A 87 16.73 -1.37 -6.24
N ILE A 88 17.91 -0.94 -6.71
CA ILE A 88 18.51 0.28 -6.16
C ILE A 88 17.61 1.48 -6.40
N GLU A 89 17.25 1.72 -7.67
CA GLU A 89 16.47 2.92 -7.98
C GLU A 89 15.09 2.86 -7.34
N HIS A 90 14.48 1.67 -7.31
CA HIS A 90 13.18 1.52 -6.64
C HIS A 90 13.28 1.86 -5.16
N THR A 91 14.39 1.48 -4.51
CA THR A 91 14.55 1.78 -3.09
C THR A 91 14.78 3.28 -2.87
N LEU A 92 15.55 3.92 -3.75
CA LEU A 92 15.70 5.36 -3.66
C LEU A 92 14.35 6.06 -3.89
N ASN A 93 13.54 5.57 -4.83
CA ASN A 93 12.19 6.10 -5.02
C ASN A 93 11.40 6.01 -3.72
N GLU A 94 11.39 4.81 -3.13
CA GLU A 94 10.59 4.53 -1.94
C GLU A 94 10.86 5.53 -0.84
N LYS A 95 12.14 5.70 -0.49
CA LYS A 95 12.47 6.61 0.61
C LYS A 95 12.23 8.08 0.23
N ARG A 96 12.56 8.46 -1.02
CA ARG A 96 12.39 9.87 -1.39
C ARG A 96 10.92 10.26 -1.40
N ILE A 97 10.06 9.35 -1.85
CA ILE A 97 8.62 9.62 -1.86
C ILE A 97 8.06 9.58 -0.45
N LEU A 98 8.39 8.55 0.33
CA LEU A 98 7.75 8.42 1.63
C LEU A 98 8.12 9.58 2.55
N GLN A 99 9.34 10.12 2.45
CA GLN A 99 9.68 11.25 3.31
C GLN A 99 9.01 12.55 2.87
N ALA A 100 8.38 12.59 1.69
CA ALA A 100 7.79 13.81 1.17
C ALA A 100 6.26 13.84 1.21
N VAL A 101 5.60 12.72 1.44
CA VAL A 101 4.14 12.67 1.39
C VAL A 101 3.56 12.94 2.77
N ASN A 102 2.27 13.30 2.79
CA ASN A 102 1.56 13.65 4.02
C ASN A 102 0.07 13.54 3.73
N PHE A 103 -0.55 12.45 4.19
CA PHE A 103 -1.98 12.27 3.96
C PHE A 103 -2.53 11.36 5.05
N PRO A 104 -3.81 11.48 5.44
CA PRO A 104 -4.27 10.78 6.65
C PRO A 104 -4.20 9.28 6.56
N PHE A 105 -4.09 8.72 5.36
CA PHE A 105 -4.08 7.28 5.17
C PHE A 105 -2.75 6.75 4.65
N LEU A 106 -1.69 7.56 4.70
CA LEU A 106 -0.34 7.15 4.35
C LEU A 106 0.50 7.04 5.62
N VAL A 107 1.23 5.93 5.76
CA VAL A 107 2.05 5.76 6.96
C VAL A 107 3.11 6.85 7.01
N LYS A 108 3.37 7.33 8.23
CA LYS A 108 4.32 8.41 8.44
C LYS A 108 5.73 7.86 8.61
N LEU A 109 6.66 8.35 7.79
CA LEU A 109 8.08 8.07 8.01
C LEU A 109 8.61 9.03 9.06
N GLU A 110 9.11 8.50 10.17
CA GLU A 110 9.60 9.34 11.24
C GLU A 110 11.09 9.62 11.10
N PHE A 111 11.87 8.60 10.76
CA PHE A 111 13.32 8.74 10.61
C PHE A 111 13.79 7.86 9.47
N SER A 112 14.95 8.20 8.90
CA SER A 112 15.66 7.29 8.02
C SER A 112 17.15 7.48 8.21
N PHE A 113 17.91 6.42 7.96
CA PHE A 113 19.38 6.45 8.08
C PHE A 113 19.92 5.18 7.44
N LYS A 114 21.25 5.10 7.38
CA LYS A 114 21.92 3.93 6.82
C LYS A 114 23.20 3.69 7.60
N ASP A 115 23.69 2.45 7.53
CA ASP A 115 25.02 2.16 8.09
C ASP A 115 25.82 1.35 7.08
N ASN A 116 26.92 0.73 7.51
CA ASN A 116 27.76 0.00 6.55
C ASN A 116 26.99 -1.07 5.79
N SER A 117 25.98 -1.68 6.41
CA SER A 117 25.32 -2.83 5.81
C SER A 117 23.90 -2.56 5.32
N ASN A 118 23.14 -1.74 6.03
CA ASN A 118 21.70 -1.67 5.85
C ASN A 118 21.21 -0.25 5.61
N LEU A 119 20.01 -0.17 5.01
CA LEU A 119 19.17 1.02 4.99
C LEU A 119 18.05 0.86 6.01
N TYR A 120 17.64 1.96 6.63
CA TYR A 120 16.63 1.91 7.67
C TYR A 120 15.58 2.98 7.43
N MET A 121 14.31 2.57 7.47
CA MET A 121 13.17 3.49 7.39
C MET A 121 12.31 3.21 8.62
N VAL A 122 12.19 4.20 9.50
CA VAL A 122 11.50 4.05 10.76
C VAL A 122 10.16 4.76 10.65
N MET A 123 9.07 3.99 10.68
CA MET A 123 7.72 4.47 10.46
C MET A 123 6.88 4.36 11.73
N GLU A 124 5.80 5.14 11.77
N GLU A 124 5.79 5.14 11.75
CA GLU A 124 4.82 5.00 12.84
CA GLU A 124 4.82 5.00 12.83
C GLU A 124 4.37 3.55 12.94
C GLU A 124 4.35 3.56 12.95
N TYR A 125 4.24 3.06 14.17
CA TYR A 125 3.78 1.70 14.40
C TYR A 125 2.26 1.67 14.34
N VAL A 126 1.73 0.84 13.45
CA VAL A 126 0.28 0.69 13.25
C VAL A 126 -0.12 -0.66 13.83
N PRO A 127 -0.73 -0.69 15.01
CA PRO A 127 -0.76 -1.92 15.79
C PRO A 127 -1.89 -2.88 15.43
N GLY A 128 -2.81 -2.48 14.57
CA GLY A 128 -3.97 -3.30 14.30
C GLY A 128 -3.74 -4.46 13.36
N GLY A 129 -2.56 -4.57 12.76
CA GLY A 129 -2.28 -5.66 11.84
C GLY A 129 -2.70 -5.37 10.41
N GLU A 130 -2.31 -6.28 9.53
CA GLU A 130 -2.62 -6.15 8.11
C GLU A 130 -4.08 -6.44 7.82
N MET A 131 -4.67 -5.65 6.92
CA MET A 131 -5.99 -5.98 6.41
C MET A 131 -6.04 -7.42 5.96
N PHE A 132 -4.96 -7.87 5.32
CA PHE A 132 -4.87 -9.27 4.86
C PHE A 132 -5.27 -10.25 5.96
N SER A 133 -4.71 -10.10 7.16
CA SER A 133 -4.97 -11.03 8.25
C SER A 133 -6.45 -11.05 8.62
N HIS A 134 -7.05 -9.88 8.79
CA HIS A 134 -8.45 -9.78 9.17
C HIS A 134 -9.37 -10.31 8.07
N LEU A 135 -9.04 -10.01 6.82
CA LEU A 135 -9.85 -10.43 5.69
C LEU A 135 -9.85 -11.94 5.53
N ARG A 136 -8.67 -12.57 5.63
CA ARG A 136 -8.64 -14.02 5.52
C ARG A 136 -9.39 -14.67 6.67
N ARG A 137 -9.23 -14.14 7.89
CA ARG A 137 -9.86 -14.74 9.06
C ARG A 137 -11.37 -14.65 8.98
N ILE A 138 -11.90 -13.46 8.67
CA ILE A 138 -13.36 -13.29 8.60
C ILE A 138 -13.94 -13.84 7.31
N GLY A 139 -13.11 -14.10 6.30
CA GLY A 139 -13.61 -14.63 5.04
C GLY A 139 -13.84 -13.53 4.02
N ARG A 140 -14.83 -12.67 4.28
CA ARG A 140 -15.07 -11.51 3.42
C ARG A 140 -15.66 -10.41 4.28
N PHE A 141 -15.50 -9.18 3.81
CA PHE A 141 -16.12 -8.02 4.42
C PHE A 141 -17.49 -7.76 3.78
N SER A 142 -18.42 -7.26 4.59
CA SER A 142 -19.67 -6.75 4.04
C SER A 142 -19.41 -5.60 3.06
N GLU A 143 -20.38 -5.32 2.18
CA GLU A 143 -20.18 -4.20 1.27
C GLU A 143 -19.99 -2.86 2.01
N PRO A 144 -20.73 -2.52 3.07
CA PRO A 144 -20.44 -1.26 3.77
C PRO A 144 -19.02 -1.23 4.35
N HIS A 145 -18.54 -2.38 4.83
CA HIS A 145 -17.20 -2.48 5.41
C HIS A 145 -16.14 -2.30 4.32
N ALA A 146 -16.29 -3.03 3.21
CA ALA A 146 -15.38 -2.87 2.08
C ALA A 146 -15.41 -1.46 1.53
N ARG A 147 -16.59 -0.84 1.51
CA ARG A 147 -16.72 0.52 0.96
C ARG A 147 -15.99 1.53 1.83
N PHE A 148 -16.07 1.39 3.15
CA PHE A 148 -15.34 2.25 4.07
C PHE A 148 -13.84 2.22 3.78
N TYR A 149 -13.28 1.03 3.55
CA TYR A 149 -11.86 0.96 3.24
C TYR A 149 -11.56 1.48 1.84
N ALA A 150 -12.41 1.09 0.87
CA ALA A 150 -12.20 1.54 -0.50
C ALA A 150 -12.21 3.06 -0.60
N ALA A 151 -13.07 3.74 0.16
CA ALA A 151 -13.13 5.19 0.07
C ALA A 151 -11.81 5.82 0.48
N GLN A 152 -11.14 5.25 1.48
CA GLN A 152 -9.85 5.77 1.89
C GLN A 152 -8.81 5.59 0.80
N ILE A 153 -8.86 4.46 0.09
CA ILE A 153 -7.92 4.25 -1.01
C ILE A 153 -8.22 5.22 -2.15
N VAL A 154 -9.50 5.44 -2.47
CA VAL A 154 -9.85 6.40 -3.52
C VAL A 154 -9.26 7.78 -3.22
N LEU A 155 -9.45 8.27 -1.99
CA LEU A 155 -8.89 9.58 -1.63
C LEU A 155 -7.37 9.56 -1.66
N THR A 156 -6.75 8.46 -1.21
CA THR A 156 -5.30 8.37 -1.18
C THR A 156 -4.72 8.39 -2.59
N PHE A 157 -5.34 7.66 -3.53
CA PHE A 157 -4.87 7.72 -4.91
C PHE A 157 -5.14 9.09 -5.54
N GLU A 158 -6.23 9.74 -5.18
CA GLU A 158 -6.45 11.11 -5.68
C GLU A 158 -5.29 12.00 -5.27
N TYR A 159 -4.89 11.90 -4.00
CA TYR A 159 -3.74 12.64 -3.50
C TYR A 159 -2.47 12.24 -4.23
N LEU A 160 -2.14 10.95 -4.24
CA LEU A 160 -0.87 10.51 -4.81
C LEU A 160 -0.78 10.89 -6.29
N HIS A 161 -1.84 10.60 -7.05
CA HIS A 161 -1.80 10.86 -8.48
C HIS A 161 -1.67 12.33 -8.78
N SER A 162 -2.24 13.20 -7.93
CA SER A 162 -2.10 14.64 -8.14
C SER A 162 -0.65 15.09 -8.00
N LEU A 163 0.16 14.32 -7.28
CA LEU A 163 1.59 14.58 -7.12
C LEU A 163 2.40 13.86 -8.19
N ASP A 164 1.75 13.28 -9.19
CA ASP A 164 2.37 12.49 -10.24
C ASP A 164 2.99 11.20 -9.71
N LEU A 165 2.48 10.67 -8.60
CA LEU A 165 2.98 9.42 -8.04
C LEU A 165 2.07 8.28 -8.47
N ILE A 166 2.66 7.17 -8.90
CA ILE A 166 1.95 5.91 -9.10
C ILE A 166 2.38 4.97 -7.97
N TYR A 167 1.42 4.25 -7.40
CA TYR A 167 1.71 3.47 -6.20
C TYR A 167 2.17 2.06 -6.53
N ARG A 168 1.41 1.33 -7.34
CA ARG A 168 1.82 0.08 -7.98
C ARG A 168 1.96 -1.13 -7.08
N ASP A 169 1.49 -1.12 -5.84
CA ASP A 169 1.48 -2.39 -5.12
C ASP A 169 0.32 -2.45 -4.12
N LEU A 170 -0.87 -2.06 -4.57
CA LEU A 170 -2.04 -2.15 -3.71
C LEU A 170 -2.39 -3.62 -3.48
N LYS A 171 -2.61 -3.97 -2.22
CA LYS A 171 -3.07 -5.30 -1.82
C LYS A 171 -3.33 -5.27 -0.32
N PRO A 172 -4.17 -6.18 0.18
CA PRO A 172 -4.47 -6.18 1.62
C PRO A 172 -3.24 -6.34 2.50
N GLU A 173 -2.19 -6.99 1.99
CA GLU A 173 -0.96 -7.19 2.76
C GLU A 173 -0.29 -5.87 3.12
N ASN A 174 -0.51 -4.82 2.32
CA ASN A 174 0.14 -3.54 2.48
C ASN A 174 -0.72 -2.49 3.16
N LEU A 175 -1.91 -2.86 3.61
CA LEU A 175 -2.86 -1.93 4.20
C LEU A 175 -3.00 -2.32 5.68
N LEU A 176 -2.47 -1.47 6.56
CA LEU A 176 -2.49 -1.74 7.99
C LEU A 176 -3.67 -1.01 8.62
N ILE A 177 -4.25 -1.62 9.66
CA ILE A 177 -5.42 -1.05 10.33
C ILE A 177 -4.96 -0.37 11.60
N ASP A 178 -5.33 0.90 11.78
CA ASP A 178 -4.87 1.61 12.97
C ASP A 178 -5.88 1.50 14.11
N GLN A 179 -5.59 2.19 15.21
CA GLN A 179 -6.39 2.01 16.42
C GLN A 179 -7.80 2.59 16.28
N GLN A 180 -8.02 3.47 15.30
CA GLN A 180 -9.35 3.98 14.99
C GLN A 180 -10.10 3.11 13.99
N GLY A 181 -9.45 2.06 13.46
CA GLY A 181 -10.07 1.24 12.44
C GLY A 181 -9.86 1.73 11.02
N TYR A 182 -9.03 2.75 10.83
CA TYR A 182 -8.76 3.31 9.51
C TYR A 182 -7.51 2.66 8.90
N ILE A 183 -7.31 2.90 7.61
CA ILE A 183 -6.22 2.28 6.85
C ILE A 183 -4.98 3.16 6.88
N GLN A 184 -3.81 2.52 6.93
CA GLN A 184 -2.52 3.16 6.69
C GLN A 184 -1.83 2.38 5.57
N VAL A 185 -1.60 3.04 4.44
CA VAL A 185 -0.89 2.43 3.32
C VAL A 185 0.59 2.39 3.65
N THR A 186 1.19 1.21 3.50
CA THR A 186 2.61 1.00 3.70
C THR A 186 3.22 0.43 2.41
N ASP A 187 4.53 0.28 2.43
CA ASP A 187 5.29 -0.31 1.33
C ASP A 187 5.19 0.51 0.05
N PHE A 188 6.05 1.52 -0.04
CA PHE A 188 6.22 2.31 -1.24
C PHE A 188 7.36 1.80 -2.12
N GLY A 189 7.67 0.49 -2.01
CA GLY A 189 8.80 -0.07 -2.72
C GLY A 189 8.73 0.04 -4.24
N PHE A 190 7.53 0.10 -4.81
CA PHE A 190 7.38 0.28 -6.25
C PHE A 190 6.81 1.63 -6.61
N ALA A 191 6.64 2.54 -5.65
CA ALA A 191 6.09 3.85 -5.96
C ALA A 191 7.09 4.64 -6.78
N LYS A 192 6.57 5.45 -7.71
N LYS A 192 6.57 5.46 -7.70
CA LYS A 192 7.43 6.18 -8.63
CA LYS A 192 7.42 6.17 -8.64
C LYS A 192 6.75 7.48 -9.03
C LYS A 192 6.74 7.48 -9.02
N ARG A 193 7.54 8.55 -9.13
CA ARG A 193 7.02 9.84 -9.59
C ARG A 193 7.25 9.91 -11.10
N VAL A 194 6.17 9.95 -11.86
CA VAL A 194 6.28 9.87 -13.31
C VAL A 194 5.17 10.70 -13.94
N LYS A 195 5.54 11.52 -14.92
CA LYS A 195 4.57 12.20 -15.76
C LYS A 195 4.51 11.43 -17.07
N GLY A 196 3.32 11.00 -17.46
CA GLY A 196 3.24 10.13 -18.62
C GLY A 196 3.41 8.66 -18.25
N ARG A 197 4.00 7.86 -19.14
CA ARG A 197 3.97 6.42 -18.98
C ARG A 197 5.30 5.86 -18.48
N THR A 198 5.24 4.66 -17.92
CA THR A 198 6.41 3.93 -17.45
C THR A 198 6.25 2.47 -17.85
N TRP A 199 7.31 1.67 -17.64
CA TRP A 199 7.36 0.33 -18.24
C TRP A 199 7.72 -0.85 -17.36
N TPO A 200 8.06 -0.62 -16.10
CA TPO A 200 8.56 -1.71 -15.28
CB TPO A 200 9.12 -1.18 -13.99
CG2 TPO A 200 9.72 -2.35 -13.20
OG1 TPO A 200 10.15 -0.25 -14.31
P TPO A 200 9.87 1.23 -13.73
O1P TPO A 200 11.02 2.16 -14.34
O2P TPO A 200 9.97 1.17 -12.24
O3P TPO A 200 8.40 1.66 -14.22
C TPO A 200 7.51 -2.78 -15.01
O TPO A 200 6.41 -2.48 -14.54
N LEU A 201 7.85 -4.03 -15.28
CA LEU A 201 7.02 -5.16 -14.87
C LEU A 201 7.20 -5.37 -13.37
N CYS A 202 6.28 -4.82 -12.56
CA CYS A 202 6.36 -4.94 -11.12
C CYS A 202 4.96 -4.84 -10.54
N GLY A 203 4.83 -5.32 -9.30
CA GLY A 203 3.58 -5.40 -8.60
C GLY A 203 3.44 -6.79 -8.03
N THR A 204 2.19 -7.17 -7.80
CA THR A 204 1.86 -8.50 -7.30
C THR A 204 0.93 -9.16 -8.30
N PRO A 205 1.17 -10.43 -8.69
CA PRO A 205 0.46 -10.99 -9.85
C PRO A 205 -1.05 -10.75 -9.90
N GLU A 206 -1.75 -11.04 -8.79
CA GLU A 206 -3.20 -10.90 -8.74
C GLU A 206 -3.68 -9.48 -9.05
N TYR A 207 -2.83 -8.48 -8.82
CA TYR A 207 -3.21 -7.08 -8.88
C TYR A 207 -2.72 -6.35 -10.14
N LEU A 208 -2.01 -7.04 -11.03
CA LEU A 208 -1.46 -6.40 -12.22
C LEU A 208 -2.54 -6.10 -13.25
N ALA A 209 -2.53 -4.87 -13.74
CA ALA A 209 -3.39 -4.49 -14.85
C ALA A 209 -2.92 -5.16 -16.14
N PRO A 210 -3.83 -5.40 -17.07
CA PRO A 210 -3.45 -6.07 -18.32
C PRO A 210 -2.33 -5.39 -19.06
N GLU A 211 -2.31 -4.05 -19.05
CA GLU A 211 -1.28 -3.34 -19.81
C GLU A 211 0.11 -3.50 -19.20
N ILE A 212 0.21 -3.81 -17.90
CA ILE A 212 1.52 -4.15 -17.35
C ILE A 212 1.99 -5.48 -17.91
N ILE A 213 1.13 -6.49 -17.89
CA ILE A 213 1.47 -7.83 -18.36
C ILE A 213 1.87 -7.79 -19.83
N LEU A 214 1.19 -6.97 -20.63
CA LEU A 214 1.41 -6.95 -22.06
C LEU A 214 2.59 -6.06 -22.48
N SER A 215 3.31 -5.47 -21.51
CA SER A 215 4.53 -4.72 -21.77
C SER A 215 4.28 -3.51 -22.67
N LYS A 216 3.13 -2.88 -22.51
CA LYS A 216 2.67 -1.84 -23.42
C LYS A 216 3.17 -0.45 -23.06
N GLY A 217 3.70 -0.25 -21.86
CA GLY A 217 3.77 1.08 -21.29
C GLY A 217 2.45 1.32 -20.57
N TYR A 218 2.49 2.02 -19.44
CA TYR A 218 1.27 2.18 -18.66
C TYR A 218 1.39 3.43 -17.80
N ASN A 219 0.27 3.82 -17.21
CA ASN A 219 0.22 5.06 -16.44
C ASN A 219 -0.54 4.81 -15.14
N LYS A 220 -0.99 5.89 -14.50
CA LYS A 220 -1.63 5.78 -13.19
C LYS A 220 -2.94 5.01 -13.23
N ALA A 221 -3.49 4.73 -14.41
CA ALA A 221 -4.68 3.89 -14.49
C ALA A 221 -4.46 2.49 -13.94
N VAL A 222 -3.21 2.03 -13.83
CA VAL A 222 -3.00 0.72 -13.24
C VAL A 222 -3.41 0.71 -11.77
N ASP A 223 -3.31 1.86 -11.08
CA ASP A 223 -3.75 1.91 -9.69
C ASP A 223 -5.26 1.77 -9.56
N TRP A 224 -6.01 2.31 -10.53
CA TRP A 224 -7.47 2.18 -10.48
C TRP A 224 -7.91 0.75 -10.80
N TRP A 225 -7.20 0.07 -11.73
CA TRP A 225 -7.44 -1.36 -11.92
C TRP A 225 -7.20 -2.10 -10.61
N ALA A 226 -6.08 -1.83 -9.95
CA ALA A 226 -5.77 -2.51 -8.70
C ALA A 226 -6.83 -2.25 -7.63
N LEU A 227 -7.40 -1.04 -7.61
CA LEU A 227 -8.49 -0.77 -6.68
C LEU A 227 -9.68 -1.69 -6.97
N GLY A 228 -9.97 -1.94 -8.25
CA GLY A 228 -11.01 -2.91 -8.58
C GLY A 228 -10.71 -4.29 -8.03
N VAL A 229 -9.45 -4.73 -8.14
CA VAL A 229 -9.07 -6.03 -7.60
C VAL A 229 -9.26 -6.03 -6.10
N LEU A 230 -8.83 -4.96 -5.43
CA LEU A 230 -8.92 -4.90 -3.97
C LEU A 230 -10.38 -4.93 -3.51
N ILE A 231 -11.24 -4.13 -4.16
CA ILE A 231 -12.64 -4.10 -3.77
C ILE A 231 -13.27 -5.47 -3.96
N TYR A 232 -13.00 -6.10 -5.10
CA TYR A 232 -13.50 -7.44 -5.35
C TYR A 232 -13.04 -8.42 -4.26
N GLU A 233 -11.73 -8.41 -3.94
CA GLU A 233 -11.22 -9.35 -2.94
C GLU A 233 -11.81 -9.08 -1.56
N MET A 234 -11.95 -7.81 -1.19
CA MET A 234 -12.55 -7.49 0.11
C MET A 234 -13.98 -8.01 0.19
N ALA A 235 -14.76 -7.84 -0.87
CA ALA A 235 -16.18 -8.17 -0.86
C ALA A 235 -16.45 -9.65 -1.14
N ALA A 236 -15.56 -10.33 -1.87
CA ALA A 236 -15.76 -11.74 -2.19
C ALA A 236 -15.01 -12.69 -1.26
N GLY A 237 -13.87 -12.24 -0.74
CA GLY A 237 -12.98 -13.08 0.04
C GLY A 237 -11.94 -13.80 -0.78
N TYR A 238 -11.96 -13.62 -2.10
CA TYR A 238 -10.94 -14.13 -3.01
C TYR A 238 -10.83 -13.13 -4.14
N PRO A 239 -9.69 -13.10 -4.83
CA PRO A 239 -9.51 -12.11 -5.89
C PRO A 239 -10.20 -12.53 -7.18
N PRO A 240 -10.38 -11.60 -8.11
CA PRO A 240 -11.12 -11.91 -9.35
C PRO A 240 -10.37 -12.83 -10.28
N PHE A 241 -9.04 -12.88 -10.18
CA PHE A 241 -8.21 -13.72 -11.04
C PHE A 241 -7.23 -14.45 -10.13
N PHE A 242 -7.45 -15.75 -9.94
CA PHE A 242 -6.54 -16.53 -9.11
C PHE A 242 -6.30 -17.88 -9.75
N ALA A 243 -5.16 -18.45 -9.41
CA ALA A 243 -4.71 -19.74 -9.92
C ALA A 243 -3.54 -20.16 -9.05
N ASP A 244 -2.95 -21.31 -9.35
CA ASP A 244 -1.81 -21.73 -8.55
C ASP A 244 -0.50 -21.16 -9.05
N GLN A 245 -0.40 -20.77 -10.32
CA GLN A 245 0.82 -20.18 -10.84
C GLN A 245 0.53 -18.83 -11.46
N PRO A 246 1.47 -17.88 -11.33
CA PRO A 246 1.23 -16.53 -11.86
C PRO A 246 0.91 -16.49 -13.34
N ILE A 247 1.51 -17.36 -14.15
CA ILE A 247 1.25 -17.31 -15.59
C ILE A 247 -0.21 -17.60 -15.87
N GLN A 248 -0.84 -18.47 -15.09
CA GLN A 248 -2.28 -18.70 -15.27
C GLN A 248 -3.10 -17.51 -14.81
N ILE A 249 -2.64 -16.80 -13.77
CA ILE A 249 -3.31 -15.57 -13.34
C ILE A 249 -3.28 -14.55 -14.46
N TYR A 250 -2.12 -14.41 -15.12
CA TYR A 250 -1.98 -13.42 -16.18
C TYR A 250 -2.90 -13.73 -17.36
N GLU A 251 -3.01 -15.00 -17.73
CA GLU A 251 -3.94 -15.39 -18.80
C GLU A 251 -5.37 -14.96 -18.47
N LYS A 252 -5.79 -15.11 -17.22
CA LYS A 252 -7.13 -14.70 -16.85
C LYS A 252 -7.28 -13.17 -16.89
N ILE A 253 -6.26 -12.44 -16.43
CA ILE A 253 -6.34 -10.99 -16.38
C ILE A 253 -6.53 -10.42 -17.78
N VAL A 254 -5.74 -10.88 -18.75
CA VAL A 254 -5.83 -10.29 -20.08
C VAL A 254 -7.04 -10.76 -20.86
N SER A 255 -7.76 -11.79 -20.38
CA SER A 255 -8.87 -12.36 -21.13
C SER A 255 -10.06 -11.42 -21.25
N GLY A 256 -10.19 -10.45 -20.36
CA GLY A 256 -11.35 -9.58 -20.38
C GLY A 256 -12.59 -10.15 -19.73
N LYS A 257 -12.45 -11.24 -18.97
CA LYS A 257 -13.58 -11.94 -18.36
C LYS A 257 -13.46 -11.93 -16.84
N VAL A 258 -14.54 -11.55 -16.18
CA VAL A 258 -14.62 -11.57 -14.72
C VAL A 258 -15.96 -12.19 -14.34
N ARG A 259 -15.95 -13.03 -13.30
CA ARG A 259 -17.17 -13.59 -12.74
C ARG A 259 -17.38 -13.00 -11.36
N PHE A 260 -18.64 -12.77 -11.00
CA PHE A 260 -18.96 -12.11 -9.74
C PHE A 260 -19.78 -13.03 -8.84
N PRO A 261 -19.53 -13.00 -7.53
CA PRO A 261 -20.39 -13.73 -6.60
C PRO A 261 -21.84 -13.27 -6.72
N SER A 262 -22.76 -14.21 -6.52
CA SER A 262 -24.17 -13.84 -6.57
C SER A 262 -24.55 -12.84 -5.49
N HIS A 263 -23.80 -12.77 -4.39
CA HIS A 263 -24.17 -11.83 -3.34
C HIS A 263 -23.68 -10.41 -3.61
N PHE A 264 -22.91 -10.18 -4.68
CA PHE A 264 -22.50 -8.82 -5.02
C PHE A 264 -23.72 -7.99 -5.44
N SER A 265 -23.85 -6.79 -4.89
CA SER A 265 -24.92 -5.90 -5.33
C SER A 265 -24.74 -5.52 -6.80
N SER A 266 -25.86 -5.11 -7.41
CA SER A 266 -25.79 -4.61 -8.77
C SER A 266 -24.89 -3.38 -8.87
N ASP A 267 -24.90 -2.52 -7.85
CA ASP A 267 -24.02 -1.35 -7.88
C ASP A 267 -22.55 -1.76 -7.84
N LEU A 268 -22.21 -2.73 -6.98
CA LEU A 268 -20.83 -3.21 -6.88
C LEU A 268 -20.36 -3.81 -8.21
N LYS A 269 -21.19 -4.64 -8.84
CA LYS A 269 -20.80 -5.22 -10.12
C LYS A 269 -20.58 -4.13 -11.16
N ASP A 270 -21.43 -3.10 -11.17
CA ASP A 270 -21.24 -2.05 -12.17
C ASP A 270 -19.96 -1.27 -11.93
N LEU A 271 -19.65 -0.93 -10.67
CA LEU A 271 -18.38 -0.27 -10.40
C LEU A 271 -17.22 -1.14 -10.85
N LEU A 272 -17.28 -2.44 -10.53
CA LEU A 272 -16.15 -3.30 -10.82
C LEU A 272 -15.97 -3.54 -12.32
N ARG A 273 -17.05 -3.59 -13.11
CA ARG A 273 -16.85 -3.72 -14.55
C ARG A 273 -16.14 -2.49 -15.11
N ASN A 274 -16.26 -1.35 -14.45
CA ASN A 274 -15.63 -0.14 -14.92
C ASN A 274 -14.22 0.06 -14.37
N LEU A 275 -13.87 -0.57 -13.25
CA LEU A 275 -12.49 -0.53 -12.78
C LEU A 275 -11.67 -1.65 -13.38
N LEU A 276 -12.24 -2.87 -13.43
CA LEU A 276 -11.59 -4.02 -14.05
C LEU A 276 -11.87 -4.00 -15.54
N GLN A 277 -11.63 -2.85 -16.15
CA GLN A 277 -11.87 -2.62 -17.57
C GLN A 277 -10.53 -2.79 -18.29
N VAL A 278 -10.45 -3.80 -19.15
CA VAL A 278 -9.16 -4.11 -19.75
C VAL A 278 -8.68 -3.00 -20.67
N ASP A 279 -9.61 -2.26 -21.28
CA ASP A 279 -9.29 -1.13 -22.15
C ASP A 279 -9.08 0.09 -21.27
N LEU A 280 -7.80 0.42 -21.00
CA LEU A 280 -7.50 1.51 -20.07
C LEU A 280 -8.13 2.82 -20.49
N THR A 281 -8.46 2.98 -21.78
CA THR A 281 -9.11 4.18 -22.28
C THR A 281 -10.58 4.26 -21.91
N LYS A 282 -11.17 3.18 -21.40
CA LYS A 282 -12.55 3.17 -20.93
C LYS A 282 -12.63 2.98 -19.42
N ARG A 283 -11.51 2.97 -18.73
CA ARG A 283 -11.47 2.59 -17.32
C ARG A 283 -11.80 3.78 -16.44
N PHE A 284 -12.69 3.57 -15.46
CA PHE A 284 -12.97 4.62 -14.50
C PHE A 284 -11.69 5.03 -13.76
N GLY A 285 -11.58 6.33 -13.53
CA GLY A 285 -10.36 6.93 -13.04
C GLY A 285 -9.49 7.51 -14.12
N ASN A 286 -9.68 7.06 -15.36
CA ASN A 286 -8.88 7.45 -16.51
C ASN A 286 -9.69 8.14 -17.59
N LEU A 287 -10.91 8.57 -17.28
CA LEU A 287 -11.75 9.31 -18.21
C LEU A 287 -11.61 10.81 -17.92
N LYS A 288 -12.36 11.62 -18.69
CA LYS A 288 -12.21 13.07 -18.59
C LYS A 288 -12.54 13.60 -17.19
N ASN A 289 -13.46 12.94 -16.47
CA ASN A 289 -13.80 13.36 -15.12
C ASN A 289 -12.90 12.75 -14.05
N GLY A 290 -11.91 11.97 -14.45
CA GLY A 290 -10.92 11.47 -13.50
C GLY A 290 -11.53 10.73 -12.35
N VAL A 291 -11.04 11.01 -11.14
CA VAL A 291 -11.48 10.28 -9.97
C VAL A 291 -12.95 10.52 -9.66
N ASN A 292 -13.54 11.60 -10.18
CA ASN A 292 -14.93 11.87 -9.81
C ASN A 292 -15.90 10.86 -10.42
N ASP A 293 -15.52 10.18 -11.51
CA ASP A 293 -16.36 9.08 -11.99
C ASP A 293 -16.46 7.97 -10.94
N ILE A 294 -15.40 7.76 -10.18
CA ILE A 294 -15.44 6.78 -9.11
C ILE A 294 -16.20 7.32 -7.90
N LYS A 295 -15.85 8.53 -7.46
CA LYS A 295 -16.48 9.08 -6.26
C LYS A 295 -17.98 9.24 -6.42
N ASN A 296 -18.45 9.54 -7.64
CA ASN A 296 -19.87 9.75 -7.90
C ASN A 296 -20.62 8.47 -8.25
N HIS A 297 -19.93 7.32 -8.29
CA HIS A 297 -20.60 6.09 -8.68
C HIS A 297 -21.63 5.68 -7.63
N LYS A 298 -22.71 5.05 -8.08
CA LYS A 298 -23.80 4.63 -7.18
C LYS A 298 -23.30 3.80 -5.99
N TRP A 299 -22.28 2.95 -6.19
CA TRP A 299 -21.83 2.12 -5.08
C TRP A 299 -21.34 2.97 -3.92
N PHE A 300 -20.85 4.18 -4.21
CA PHE A 300 -20.39 5.11 -3.20
C PHE A 300 -21.43 6.17 -2.83
N ALA A 301 -22.70 5.96 -3.17
CA ALA A 301 -23.70 6.99 -2.93
C ALA A 301 -23.87 7.33 -1.45
N THR A 302 -23.61 6.38 -0.56
CA THR A 302 -23.72 6.64 0.88
C THR A 302 -22.45 7.20 1.49
N THR A 303 -21.39 7.39 0.70
CA THR A 303 -20.08 7.77 1.22
C THR A 303 -20.00 9.29 1.35
N ASP A 304 -19.73 9.76 2.57
CA ASP A 304 -19.45 11.17 2.84
C ASP A 304 -17.94 11.34 2.72
N TRP A 305 -17.48 11.81 1.55
CA TRP A 305 -16.05 11.84 1.27
C TRP A 305 -15.29 12.75 2.23
N ILE A 306 -15.86 13.91 2.54
CA ILE A 306 -15.22 14.83 3.49
C ILE A 306 -15.13 14.17 4.86
N ALA A 307 -16.20 13.48 5.29
CA ALA A 307 -16.18 12.84 6.60
C ALA A 307 -15.15 11.71 6.68
N ILE A 308 -14.94 10.98 5.58
CA ILE A 308 -13.90 9.97 5.56
C ILE A 308 -12.53 10.64 5.69
N TYR A 309 -12.30 11.69 4.89
CA TYR A 309 -11.02 12.41 4.95
C TYR A 309 -10.76 12.94 6.36
N GLN A 310 -11.79 13.47 7.02
CA GLN A 310 -11.68 14.00 8.38
C GLN A 310 -11.62 12.91 9.45
N ARG A 311 -11.80 11.66 9.04
CA ARG A 311 -11.79 10.50 9.93
C ARG A 311 -12.83 10.64 11.03
N LYS A 312 -14.03 11.10 10.67
CA LYS A 312 -15.08 11.20 11.67
C LYS A 312 -16.16 10.14 11.50
N VAL A 313 -16.03 9.28 10.50
CA VAL A 313 -16.93 8.15 10.31
C VAL A 313 -16.55 7.04 11.29
N GLU A 314 -17.57 6.39 11.89
CA GLU A 314 -17.30 5.25 12.76
C GLU A 314 -16.85 4.05 11.92
N ALA A 315 -15.75 3.41 12.31
CA ALA A 315 -15.19 2.30 11.57
C ALA A 315 -15.97 1.01 11.81
N PRO A 316 -15.92 0.08 10.84
CA PRO A 316 -16.63 -1.21 11.01
C PRO A 316 -16.12 -2.03 12.17
N PHE A 317 -14.82 -1.97 12.47
CA PHE A 317 -14.32 -2.56 13.71
C PHE A 317 -13.02 -1.87 14.11
N ILE A 318 -12.72 -1.97 15.39
CA ILE A 318 -11.47 -1.50 15.96
C ILE A 318 -10.67 -2.72 16.37
N PRO A 319 -9.41 -2.84 15.94
CA PRO A 319 -8.62 -4.01 16.34
C PRO A 319 -8.44 -4.07 17.85
N LYS A 320 -8.29 -5.28 18.35
CA LYS A 320 -7.97 -5.48 19.76
C LYS A 320 -6.61 -4.87 20.08
N PHE A 321 -6.51 -4.22 21.24
CA PHE A 321 -5.28 -3.56 21.65
C PHE A 321 -5.07 -3.79 23.13
N LYS A 322 -3.94 -4.39 23.48
N LYS A 322 -3.92 -4.35 23.48
CA LYS A 322 -3.63 -4.71 24.88
CA LYS A 322 -3.53 -4.57 24.88
C LYS A 322 -2.62 -3.76 25.49
C LYS A 322 -2.26 -3.77 25.15
N GLY A 323 -2.31 -2.65 24.81
N GLY A 323 -2.41 -2.46 25.30
CA GLY A 323 -1.34 -1.70 25.29
CA GLY A 323 -1.30 -1.59 25.62
C GLY A 323 -0.27 -1.43 24.27
C GLY A 323 -0.34 -1.40 24.47
N PRO A 324 0.63 -0.50 24.58
N PRO A 324 0.62 -0.48 24.64
CA PRO A 324 1.72 -0.18 23.64
CA PRO A 324 1.61 -0.26 23.58
C PRO A 324 2.66 -1.36 23.48
C PRO A 324 2.58 -1.42 23.45
N GLY A 325 3.17 -1.53 22.26
CA GLY A 325 4.07 -2.62 21.96
C GLY A 325 3.42 -3.96 21.74
N ASP A 326 2.10 -4.06 21.86
CA ASP A 326 1.41 -5.32 21.65
C ASP A 326 1.42 -5.69 20.17
N THR A 327 1.77 -6.94 19.87
CA THR A 327 1.86 -7.42 18.50
C THR A 327 0.89 -8.56 18.21
N SER A 328 -0.16 -8.70 19.02
N SER A 328 -0.16 -8.70 19.02
CA SER A 328 -1.06 -9.84 18.87
CA SER A 328 -1.05 -9.85 18.87
C SER A 328 -1.81 -9.86 17.54
C SER A 328 -1.80 -9.87 17.54
N ASN A 329 -1.87 -8.73 16.83
CA ASN A 329 -2.53 -8.69 15.54
C ASN A 329 -1.57 -9.01 14.39
N PHE A 330 -0.35 -9.45 14.70
CA PHE A 330 0.65 -9.81 13.71
C PHE A 330 1.08 -11.25 13.89
N ASP A 331 1.43 -11.88 12.77
CA ASP A 331 1.99 -13.21 12.81
C ASP A 331 3.40 -13.18 13.41
N ASP A 332 3.84 -14.34 13.87
CA ASP A 332 5.19 -14.51 14.40
C ASP A 332 6.12 -14.91 13.25
N TYR A 333 7.32 -14.37 13.27
CA TYR A 333 8.33 -14.66 12.27
C TYR A 333 9.60 -15.10 12.97
N GLU A 334 10.45 -15.83 12.24
CA GLU A 334 11.74 -16.22 12.78
C GLU A 334 12.62 -14.99 12.95
N GLU A 335 13.26 -14.88 14.12
CA GLU A 335 14.12 -13.74 14.42
C GLU A 335 15.55 -14.02 13.98
N GLU A 336 16.16 -13.03 13.35
CA GLU A 336 17.54 -13.13 12.89
C GLU A 336 18.29 -11.87 13.32
N GLU A 337 19.55 -12.06 13.69
CA GLU A 337 20.34 -10.94 14.20
C GLU A 337 20.58 -9.91 13.11
N ILE A 338 20.67 -8.65 13.52
CA ILE A 338 21.04 -7.56 12.63
C ILE A 338 22.56 -7.44 12.68
N ARG A 339 23.23 -7.82 11.61
CA ARG A 339 24.68 -7.77 11.54
C ARG A 339 25.09 -6.54 10.73
N VAL A 340 25.97 -5.74 11.33
CA VAL A 340 26.52 -4.58 10.64
C VAL A 340 27.99 -4.84 10.37
N SEP A 341 28.39 -4.85 9.11
CA SEP A 341 29.77 -5.09 8.73
CB SEP A 341 29.87 -5.30 7.22
OG SEP A 341 31.21 -5.31 6.77
C SEP A 341 30.68 -3.96 9.18
O SEP A 341 30.22 -2.85 9.43
P SEP A 341 31.86 -6.80 6.82
O1P SEP A 341 32.96 -6.88 5.64
O2P SEP A 341 32.59 -7.02 8.23
O3P SEP A 341 30.73 -7.92 6.60
N ILE A 342 31.97 -4.23 9.33
CA ILE A 342 32.94 -3.20 9.69
C ILE A 342 33.38 -2.43 8.45
N ASN A 343 32.95 -2.91 7.27
CA ASN A 343 33.26 -2.27 6.01
C ASN A 343 31.97 -1.75 5.36
N GLU A 344 32.04 -0.56 4.79
CA GLU A 344 30.86 0.03 4.15
C GLU A 344 30.57 -0.69 2.83
N LYS A 345 29.32 -1.14 2.67
CA LYS A 345 28.89 -1.80 1.45
C LYS A 345 28.06 -0.86 0.60
N CYS A 346 28.33 -0.85 -0.70
CA CYS A 346 27.46 -0.19 -1.68
C CYS A 346 27.23 1.28 -1.32
N GLY A 347 28.29 1.95 -0.87
CA GLY A 347 28.14 3.34 -0.46
C GLY A 347 27.74 4.25 -1.60
N LYS A 348 28.41 4.09 -2.75
CA LYS A 348 28.15 4.96 -3.89
C LYS A 348 26.69 4.86 -4.34
N GLU A 349 26.18 3.62 -4.44
CA GLU A 349 24.83 3.39 -4.93
C GLU A 349 23.77 4.12 -4.10
N PHE A 350 23.98 4.21 -2.79
CA PHE A 350 22.95 4.73 -1.88
C PHE A 350 23.33 6.09 -1.30
N THR A 351 24.18 6.83 -2.00
CA THR A 351 24.64 8.14 -1.53
C THR A 351 23.49 9.05 -1.12
N GLU A 352 22.42 9.10 -1.92
CA GLU A 352 21.37 10.06 -1.61
C GLU A 352 20.40 9.58 -0.54
N PHE A 353 20.49 8.32 -0.12
CA PHE A 353 19.57 7.79 0.88
C PHE A 353 19.83 8.48 2.21
N THR B 1 -17.50 -24.88 -5.19
CA THR B 1 -17.70 -23.42 -5.16
C THR B 1 -16.40 -22.69 -5.46
N THR B 2 -16.51 -21.45 -5.94
CA THR B 2 -15.31 -20.67 -6.20
C THR B 2 -14.52 -20.43 -4.93
N TYR B 3 -15.22 -20.16 -3.82
CA TYR B 3 -14.54 -20.01 -2.54
C TYR B 3 -13.74 -21.26 -2.18
N ALA B 4 -14.37 -22.44 -2.31
CA ALA B 4 -13.64 -23.67 -1.99
C ALA B 4 -12.41 -23.82 -2.89
N ASP B 5 -12.52 -23.44 -4.17
CA ASP B 5 -11.38 -23.56 -5.06
C ASP B 5 -10.27 -22.59 -4.67
N PHE B 6 -10.63 -21.40 -4.20
CA PHE B 6 -9.60 -20.49 -3.72
C PHE B 6 -8.90 -21.03 -2.48
N ILE B 7 -9.68 -21.50 -1.50
CA ILE B 7 -9.10 -21.93 -0.22
C ILE B 7 -8.18 -23.13 -0.40
N ALA B 8 -8.45 -23.97 -1.41
CA ALA B 8 -7.59 -25.11 -1.73
C ALA B 8 -6.41 -24.73 -2.61
N SER B 9 -6.33 -23.47 -3.05
CA SER B 9 -5.28 -23.06 -3.95
C SER B 9 -4.00 -22.74 -3.19
N GLY B 10 -2.92 -22.59 -3.96
CA GLY B 10 -1.64 -22.30 -3.36
C GLY B 10 -1.37 -20.84 -3.06
N ARG B 11 -2.32 -19.95 -3.25
CA ARG B 11 -2.03 -18.51 -3.10
C ARG B 11 -3.03 -17.84 -2.16
N THR B 12 -3.29 -18.49 -1.01
CA THR B 12 -4.12 -17.89 0.03
C THR B 12 -3.31 -17.23 1.13
N GLY B 13 -1.99 -17.41 1.14
CA GLY B 13 -1.13 -16.71 2.08
C GLY B 13 -0.64 -15.39 1.52
N ARG B 14 0.33 -14.80 2.23
CA ARG B 14 0.85 -13.51 1.81
C ARG B 14 1.53 -13.63 0.45
N ARG B 15 1.21 -12.71 -0.45
CA ARG B 15 1.67 -12.75 -1.82
C ARG B 15 2.89 -11.86 -2.01
N ASN B 16 3.97 -12.44 -2.52
CA ASN B 16 5.17 -11.68 -2.78
C ASN B 16 5.00 -10.82 -4.03
N ALA B 17 5.64 -9.66 -4.02
CA ALA B 17 5.72 -8.88 -5.24
C ALA B 17 6.62 -9.59 -6.25
N ILE B 18 6.49 -9.18 -7.50
CA ILE B 18 7.36 -9.64 -8.58
C ILE B 18 8.02 -8.42 -9.21
N HIS B 19 9.16 -8.66 -9.85
CA HIS B 19 9.92 -7.59 -10.50
C HIS B 19 10.88 -8.15 -11.53
N OGB C . 3.26 -0.59 11.64
N OGB C . 3.21 -0.70 11.63
C OGB C . 3.52 -6.16 8.53
C OGB C . 5.57 -6.03 6.79
O OGB C . 3.65 -4.72 8.57
O OGB C . 5.45 -4.60 7.02
C1 OGB C . 4.84 -4.24 8.24
C1 OGB C . 4.89 -4.24 8.16
C10 OGB C . 4.34 -2.05 9.49
C10 OGB C . 4.33 -2.10 9.47
C2 OGB C . 4.89 -2.75 8.36
C2 OGB C . 4.90 -2.76 8.33
C3 OGB C . 5.45 -2.05 7.33
C3 OGB C . 5.49 -2.02 7.32
C4 OGB C . 5.48 -0.66 7.35
C4 OGB C . 5.53 -0.63 7.40
C5 OGB C . 4.96 0.04 8.40
C5 OGB C . 4.99 0.03 8.45
C6 OGB C . 4.38 -0.64 9.50
C6 OGB C . 4.37 -0.68 9.51
C7 OGB C . 3.81 0.03 10.61
C7 OGB C . 3.79 -0.06 10.63
C8 OGB C . 3.24 -1.93 11.62
C8 OGB C . 3.18 -2.04 11.57
C9 OGB C . 3.75 -2.69 10.61
C9 OGB C . 3.70 -2.77 10.54
O1 OGB C . 5.77 -4.93 7.90
O1 OGB C . 4.43 -5.03 8.95
C1 MRD D . 18.45 4.54 -12.92
C2 MRD D . 18.33 3.35 -13.85
O2 MRD D . 17.34 2.47 -13.28
CM MRD D . 19.64 2.57 -13.91
C3 MRD D . 17.82 3.85 -15.23
C4 MRD D . 18.85 4.07 -16.36
O4 MRD D . 20.06 4.72 -15.93
C5 MRD D . 18.19 4.89 -17.43
C1 MRD E . -10.25 17.72 0.08
C2 MRD E . -10.97 16.38 0.02
O2 MRD E . -11.97 16.46 -1.02
CM MRD E . -11.70 16.11 1.33
C3 MRD E . -9.95 15.27 -0.27
C4 MRD E . -9.13 15.52 -1.55
O4 MRD E . -9.99 15.60 -2.69
C5 MRD E . -8.12 14.41 -1.75
C MOH F . -18.42 4.90 4.77
O MOH F . -18.28 4.87 3.38
C MOH G . 17.86 -4.03 21.94
O MOH G . 17.96 -3.91 20.55
C1 MPD H . -6.37 -11.01 14.79
C2 MPD H . -5.79 -11.86 13.66
O2 MPD H . -5.98 -13.26 14.01
CM MPD H . -6.53 -11.61 12.35
C3 MPD H . -4.31 -11.59 13.49
C4 MPD H . -3.52 -12.88 13.45
O4 MPD H . -3.83 -13.55 12.25
C5 MPD H . -2.03 -12.63 13.49
#